data_8IK5
#
_entry.id   8IK5
#
_cell.length_a   46.290
_cell.length_b   46.419
_cell.length_c   96.098
_cell.angle_alpha   90.00
_cell.angle_beta   90.00
_cell.angle_gamma   90.00
#
_symmetry.space_group_name_H-M   'P 21 21 21'
#
loop_
_entity.id
_entity.type
_entity.pdbx_description
1 polymer "DNA (5'-D(*CP*CP*AP*TP*AP*TP*TP*TP*AP*AP*TP*CP*TP*TP*C)-3')"
2 polymer "DNA (5'-D(*GP*GP*AP*AP*GP*AP*TP*TP*AP*AP*AP*TP*AP*TP*G)-3')"
3 polymer 'LMX1A factor'
4 non-polymer GLYCEROL
5 water water
#
loop_
_entity_poly.entity_id
_entity_poly.type
_entity_poly.pdbx_seq_one_letter_code
_entity_poly.pdbx_strand_id
1 'polydeoxyribonucleotide' (DC)(DC)(DA)(DT)(DA)(DT)(DT)(DT)(DA)(DA)(DT)(DC)(DT)(DT)(DC) A
2 'polydeoxyribonucleotide' (DG)(DG)(DA)(DA)(DG)(DA)(DT)(DT)(DA)(DA)(DA)(DT)(DA)(DT)(DG) B
3 'polypeptide(L)' HMHKRPKRPRTILTTQQRRAFKASFEVSSKPCRKVRETLAAETGLSVRVVQVWFQNQRAKMKKLARR C
#
loop_
_chem_comp.id
_chem_comp.type
_chem_comp.name
_chem_comp.formula
DA DNA linking 2'-DEOXYADENOSINE-5'-MONOPHOSPHATE 'C10 H14 N5 O6 P'
DC DNA linking 2'-DEOXYCYTIDINE-5'-MONOPHOSPHATE 'C9 H14 N3 O7 P'
DG DNA linking 2'-DEOXYGUANOSINE-5'-MONOPHOSPHATE 'C10 H14 N5 O7 P'
DT DNA linking THYMIDINE-5'-MONOPHOSPHATE 'C10 H15 N2 O8 P'
GOL non-polymer GLYCEROL 'C3 H8 O3'
#
# COMPACT_ATOMS: atom_id res chain seq x y z
N HIS C 1 -23.76 -19.57 -5.83
CA HIS C 1 -23.02 -20.59 -6.55
C HIS C 1 -22.01 -19.99 -7.52
N MET C 2 -20.98 -19.34 -6.96
CA MET C 2 -20.02 -18.57 -7.74
C MET C 2 -18.91 -19.45 -8.30
N HIS C 3 -18.51 -19.16 -9.54
CA HIS C 3 -17.31 -19.75 -10.10
C HIS C 3 -16.08 -19.18 -9.38
N LYS C 4 -14.94 -19.80 -9.65
CA LYS C 4 -13.67 -19.31 -9.12
C LYS C 4 -13.16 -18.19 -10.04
N ARG C 5 -13.15 -16.93 -9.51
CA ARG C 5 -12.68 -15.80 -10.30
C ARG C 5 -11.17 -15.62 -10.14
N PRO C 6 -10.47 -15.19 -11.19
CA PRO C 6 -9.02 -15.00 -11.08
C PRO C 6 -8.68 -13.71 -10.35
N LYS C 7 -7.40 -13.58 -10.01
CA LYS C 7 -6.91 -12.46 -9.24
C LYS C 7 -6.82 -11.19 -10.10
N ARG C 8 -6.73 -10.05 -9.41
CA ARG C 8 -6.46 -8.81 -10.10
C ARG C 8 -5.00 -8.79 -10.58
N PRO C 9 -4.70 -8.04 -11.65
CA PRO C 9 -3.30 -7.91 -12.07
C PRO C 9 -2.46 -7.28 -10.97
N ARG C 10 -1.24 -7.78 -10.82
CA ARG C 10 -0.33 -7.23 -9.82
C ARG C 10 -0.01 -5.78 -10.14
N THR C 11 -0.14 -4.91 -9.14
CA THR C 11 0.19 -3.51 -9.34
C THR C 11 1.68 -3.35 -9.64
N ILE C 12 1.99 -2.53 -10.63
CA ILE C 12 3.36 -2.14 -10.95
C ILE C 12 3.49 -0.67 -10.57
N LEU C 13 4.18 -0.39 -9.47
CA LEU C 13 4.25 0.98 -8.97
C LEU C 13 5.17 1.82 -9.83
N THR C 14 4.74 3.05 -10.12
CA THR C 14 5.69 4.01 -10.67
C THR C 14 6.58 4.54 -9.55
N THR C 15 7.64 5.23 -9.94
CA THR C 15 8.56 5.77 -8.93
C THR C 15 7.87 6.84 -8.10
N GLN C 16 7.03 7.66 -8.72
CA GLN C 16 6.30 8.68 -7.98
C GLN C 16 5.29 8.06 -7.02
N GLN C 17 4.59 7.02 -7.46
CA GLN C 17 3.69 6.32 -6.55
C GLN C 17 4.44 5.79 -5.35
N ARG C 18 5.54 5.06 -5.58
CA ARG C 18 6.30 4.50 -4.47
C ARG C 18 6.87 5.59 -3.57
N ARG C 19 7.33 6.71 -4.14
CA ARG C 19 7.83 7.77 -3.29
C ARG C 19 6.73 8.35 -2.39
N ALA C 20 5.51 8.49 -2.94
CA ALA C 20 4.39 8.98 -2.13
C ALA C 20 4.10 8.04 -0.96
N PHE C 21 4.08 6.74 -1.22
CA PHE C 21 3.84 5.78 -0.14
C PHE C 21 4.95 5.83 0.91
N LYS C 22 6.21 5.84 0.46
CA LYS C 22 7.33 5.82 1.41
C LYS C 22 7.34 7.07 2.27
N ALA C 23 6.99 8.22 1.70
CA ALA C 23 7.00 9.46 2.47
C ALA C 23 5.92 9.44 3.56
N SER C 24 4.77 8.86 3.25
CA SER C 24 3.72 8.69 4.24
C SER C 24 4.13 7.65 5.29
N PHE C 25 4.67 6.52 4.84
CA PHE C 25 5.17 5.53 5.79
C PHE C 25 6.12 6.16 6.80
N GLU C 26 6.92 7.15 6.37
CA GLU C 26 7.88 7.80 7.25
C GLU C 26 7.20 8.48 8.44
N VAL C 27 5.99 9.01 8.24
CA VAL C 27 5.27 9.66 9.34
C VAL C 27 4.31 8.74 10.07
N SER C 28 3.82 7.68 9.43
CA SER C 28 3.10 6.64 10.15
C SER C 28 2.99 5.38 9.32
N SER C 29 3.37 4.25 9.91
CA SER C 29 3.26 2.98 9.22
C SER C 29 1.83 2.47 9.14
N LYS C 30 0.90 3.09 9.87
CA LYS C 30 -0.49 2.65 9.93
C LYS C 30 -1.41 3.83 9.62
N PRO C 31 -1.46 4.24 8.36
CA PRO C 31 -2.33 5.37 8.00
C PRO C 31 -3.79 5.04 8.29
N CYS C 32 -4.49 6.01 8.88
CA CYS C 32 -5.93 5.91 9.07
C CYS C 32 -6.63 5.94 7.72
N ARG C 33 -7.92 5.66 7.73
CA ARG C 33 -8.63 5.53 6.46
C ARG C 33 -8.64 6.83 5.67
N LYS C 34 -8.76 7.98 6.36
CA LYS C 34 -8.73 9.25 5.65
C LYS C 34 -7.42 9.44 4.90
N VAL C 35 -6.29 9.07 5.53
CA VAL C 35 -5.00 9.18 4.87
C VAL C 35 -4.91 8.17 3.71
N ARG C 36 -5.39 6.94 3.91
CA ARG C 36 -5.40 5.99 2.79
C ARG C 36 -6.23 6.53 1.63
N GLU C 37 -7.34 7.20 1.93
CA GLU C 37 -8.14 7.79 0.86
C GLU C 37 -7.38 8.92 0.17
N THR C 38 -6.73 9.78 0.95
CA THR C 38 -5.93 10.85 0.36
C THR C 38 -4.81 10.27 -0.51
N LEU C 39 -4.14 9.22 -0.04
CA LEU C 39 -3.05 8.63 -0.81
C LEU C 39 -3.56 7.97 -2.09
N ALA C 40 -4.71 7.30 -2.02
CA ALA C 40 -5.33 6.72 -3.21
C ALA C 40 -5.63 7.78 -4.26
N ALA C 41 -6.16 8.92 -3.83
CA ALA C 41 -6.46 9.99 -4.77
C ALA C 41 -5.18 10.57 -5.38
N GLU C 42 -4.12 10.72 -4.57
CA GLU C 42 -2.89 11.31 -5.10
C GLU C 42 -2.17 10.35 -6.03
N THR C 43 -2.30 9.04 -5.82
CA THR C 43 -1.60 8.08 -6.66
C THR C 43 -2.47 7.51 -7.76
N GLY C 44 -3.79 7.63 -7.66
CA GLY C 44 -4.67 6.98 -8.60
C GLY C 44 -4.82 5.50 -8.36
N LEU C 45 -4.32 4.99 -7.25
CA LEU C 45 -4.48 3.59 -6.92
C LEU C 45 -5.69 3.41 -6.01
N SER C 46 -6.18 2.17 -5.92
CA SER C 46 -7.33 1.91 -5.08
C SER C 46 -6.94 2.03 -3.62
N VAL C 47 -7.94 2.26 -2.77
CA VAL C 47 -7.64 2.30 -1.33
C VAL C 47 -7.11 0.94 -0.87
N ARG C 48 -7.58 -0.14 -1.48
CA ARG C 48 -7.08 -1.47 -1.09
C ARG C 48 -5.61 -1.62 -1.41
N VAL C 49 -5.19 -1.20 -2.60
CA VAL C 49 -3.77 -1.26 -2.96
C VAL C 49 -2.94 -0.48 -1.95
N VAL C 50 -3.43 0.71 -1.56
CA VAL C 50 -2.73 1.52 -0.57
C VAL C 50 -2.60 0.76 0.73
N GLN C 51 -3.71 0.24 1.24
CA GLN C 51 -3.66 -0.50 2.49
C GLN C 51 -2.68 -1.66 2.41
N VAL C 52 -2.74 -2.44 1.32
CA VAL C 52 -1.88 -3.61 1.19
C VAL C 52 -0.41 -3.20 1.11
N TRP C 53 -0.10 -2.07 0.47
CA TRP C 53 1.29 -1.64 0.40
C TRP C 53 1.84 -1.37 1.78
N PHE C 54 1.06 -0.73 2.64
CA PHE C 54 1.52 -0.49 3.99
C PHE C 54 1.63 -1.79 4.77
N GLN C 55 0.66 -2.69 4.57
CA GLN C 55 0.73 -4.01 5.19
C GLN C 55 2.06 -4.68 4.85
N ASN C 56 2.35 -4.79 3.55
CA ASN C 56 3.57 -5.47 3.12
C ASN C 56 4.82 -4.72 3.55
N GLN C 57 4.77 -3.39 3.57
CA GLN C 57 5.93 -2.65 4.03
C GLN C 57 6.21 -2.92 5.50
N ARG C 58 5.15 -3.00 6.32
CA ARG C 58 5.32 -3.27 7.74
C ARG C 58 5.93 -4.64 7.96
N ALA C 59 5.42 -5.66 7.23
CA ALA C 59 5.99 -6.99 7.32
C ALA C 59 7.48 -6.98 6.99
N LYS C 60 7.88 -6.18 6.00
CA LYS C 60 9.28 -6.15 5.60
C LYS C 60 10.13 -5.49 6.68
N MET C 61 9.68 -4.35 7.20
CA MET C 61 10.45 -3.64 8.22
C MET C 61 10.49 -4.42 9.53
N LYS C 62 9.46 -5.22 9.79
CA LYS C 62 9.45 -6.02 11.01
C LYS C 62 10.56 -7.05 11.02
N LYS C 63 10.78 -7.73 9.90
CA LYS C 63 11.87 -8.70 9.82
C LYS C 63 13.22 -8.02 9.99
N LEU C 64 13.42 -6.88 9.33
CA LEU C 64 14.69 -6.16 9.43
C LEU C 64 14.97 -5.68 10.85
N ALA C 65 13.91 -5.45 11.63
CA ALA C 65 14.06 -4.77 12.92
C ALA C 65 14.95 -5.55 13.87
N ARG C 66 15.03 -6.85 13.72
CA ARG C 66 15.94 -7.67 14.51
C ARG C 66 17.26 -7.91 13.81
N ARG C 67 17.49 -7.23 12.66
CA ARG C 67 18.65 -7.41 11.80
C ARG C 67 18.66 -8.81 11.18
C1 GOL D . 8.72 -1.37 -2.48
O1 GOL D . 7.50 -0.76 -2.88
C2 GOL D . 9.39 -0.51 -1.33
O2 GOL D . 10.44 0.28 -1.79
C3 GOL D . 9.92 -1.55 -0.31
O3 GOL D . 9.14 -2.69 -0.46
C1 GOL E . 13.16 8.74 1.78
O1 GOL E . 13.49 10.06 1.42
C2 GOL E . 11.89 8.83 2.68
O2 GOL E . 10.74 9.10 1.94
C3 GOL E . 11.82 7.48 3.49
O3 GOL E . 11.99 6.43 2.61
#